data_7DBF
#
_entry.id   7DBF
#
_cell.length_a   119.117
_cell.length_b   119.117
_cell.length_c   39.453
_cell.angle_alpha   90.000
_cell.angle_beta   90.000
_cell.angle_gamma   120.000
#
_symmetry.space_group_name_H-M   'P 61'
#
loop_
_entity.id
_entity.type
_entity.pdbx_description
1 polymer 'Guanosine deaminase'
2 non-polymer 'ZINC ION'
3 water water
#
_entity_poly.entity_id   1
_entity_poly.type   'polypeptide(L)'
_entity_poly.pdbx_seq_one_letter_code
;GPHMSDHKFLTQAVEEAYKGVDCGDGGPFGAVIVHNNEVVASCHNMVLKYTDPTAHAEVTAIREACKKLNKIELSECEIY
ASCEPCPMCFGAIHLSRLKRLVYGAKAEAAIAIGFDDFIADALRGTGVYQKSSLEIKKADGNGAAIAEQVFQNTKEKFRL
Y
;
_entity_poly.pdbx_strand_id   A,D
#
# COMPACT_ATOMS: atom_id res chain seq x y z
N SER A 5 0.51 -5.18 28.11
CA SER A 5 1.49 -5.04 27.02
C SER A 5 0.79 -4.94 25.67
N ASP A 6 -0.02 -5.94 25.29
CA ASP A 6 -0.90 -5.75 24.15
C ASP A 6 -1.79 -4.53 24.37
N HIS A 7 -2.36 -4.39 25.56
CA HIS A 7 -3.17 -3.22 25.86
C HIS A 7 -2.34 -1.94 25.83
N LYS A 8 -1.10 -2.02 26.31
CA LYS A 8 -0.26 -0.83 26.38
C LYS A 8 0.03 -0.27 24.99
N PHE A 9 0.41 -1.14 24.05
CA PHE A 9 0.79 -0.68 22.73
C PHE A 9 -0.43 -0.31 21.88
N LEU A 10 -1.55 -0.99 22.07
CA LEU A 10 -2.78 -0.58 21.39
C LEU A 10 -3.25 0.79 21.89
N THR A 11 -3.17 1.01 23.20
CA THR A 11 -3.50 2.32 23.75
C THR A 11 -2.57 3.40 23.20
N GLN A 12 -1.29 3.08 23.03
CA GLN A 12 -0.39 4.08 22.43
C GLN A 12 -0.76 4.38 20.97
N ALA A 13 -1.18 3.36 20.21
CA ALA A 13 -1.65 3.63 18.85
C ALA A 13 -2.89 4.52 18.85
N VAL A 14 -3.80 4.30 19.80
CA VAL A 14 -4.98 5.16 19.90
C VAL A 14 -4.57 6.58 20.29
N GLU A 15 -3.60 6.71 21.20
CA GLU A 15 -3.08 8.03 21.55
C GLU A 15 -2.53 8.75 20.33
N GLU A 16 -1.78 8.03 19.48
CA GLU A 16 -1.31 8.63 18.23
C GLU A 16 -2.47 9.08 17.36
N ALA A 17 -3.54 8.28 17.29
CA ALA A 17 -4.71 8.69 16.50
C ALA A 17 -5.23 10.04 16.96
N TYR A 18 -5.39 10.20 18.28
CA TYR A 18 -5.89 11.46 18.83
C TYR A 18 -4.93 12.62 18.56
N LYS A 19 -3.63 12.41 18.78
CA LYS A 19 -2.64 13.46 18.55
C LYS A 19 -2.65 13.92 17.10
N GLY A 20 -2.65 12.97 16.18
CA GLY A 20 -2.61 13.31 14.77
C GLY A 20 -3.83 14.08 14.33
N VAL A 21 -5.02 13.63 14.75
CA VAL A 21 -6.21 14.36 14.33
C VAL A 21 -6.24 15.75 14.98
N ASP A 22 -5.70 15.88 16.19
CA ASP A 22 -5.71 17.17 16.87
C ASP A 22 -4.81 18.19 16.19
N CYS A 23 -3.66 17.75 15.67
CA CYS A 23 -2.76 18.73 15.06
C CYS A 23 -2.97 18.87 13.55
N GLY A 24 -3.97 18.20 12.99
CA GLY A 24 -4.30 18.33 11.58
C GLY A 24 -3.43 17.54 10.63
N ASP A 25 -2.64 16.59 11.13
CA ASP A 25 -1.77 15.77 10.28
C ASP A 25 -2.58 14.85 9.38
N GLY A 26 -3.74 14.40 9.83
CA GLY A 26 -4.49 13.40 9.11
C GLY A 26 -5.68 12.94 9.93
N GLY A 27 -6.23 11.79 9.53
CA GLY A 27 -7.39 11.26 10.20
C GLY A 27 -7.05 10.62 11.53
N PRO A 28 -8.09 10.27 12.29
CA PRO A 28 -7.92 9.70 13.64
C PRO A 28 -7.49 8.23 13.63
N PHE A 29 -6.26 8.00 13.18
CA PHE A 29 -5.71 6.65 13.05
C PHE A 29 -4.26 6.65 13.50
N GLY A 30 -3.88 5.64 14.30
CA GLY A 30 -2.52 5.50 14.75
C GLY A 30 -2.02 4.07 14.61
N ALA A 31 -0.71 3.93 14.63
CA ALA A 31 -0.06 2.63 14.54
C ALA A 31 1.25 2.66 15.31
N VAL A 32 1.57 1.54 15.95
CA VAL A 32 2.79 1.37 16.74
C VAL A 32 3.44 0.05 16.34
N ILE A 33 4.72 0.09 16.04
CA ILE A 33 5.49 -1.11 15.70
C ILE A 33 6.51 -1.35 16.81
N VAL A 34 6.55 -2.60 17.31
CA VAL A 34 7.34 -2.95 18.49
C VAL A 34 8.23 -4.14 18.15
N HIS A 35 9.45 -4.13 18.68
CA HIS A 35 10.35 -5.28 18.65
C HIS A 35 10.37 -5.85 20.06
N ASN A 36 9.62 -6.94 20.25
CA ASN A 36 9.41 -7.58 21.54
C ASN A 36 8.68 -6.61 22.47
N ASN A 37 9.40 -5.77 23.19
CA ASN A 37 8.71 -4.79 24.03
C ASN A 37 9.31 -3.39 23.90
N GLU A 38 10.08 -3.13 22.85
CA GLU A 38 10.60 -1.80 22.57
C GLU A 38 9.88 -1.22 21.36
N VAL A 39 9.40 0.02 21.49
CA VAL A 39 8.75 0.68 20.37
C VAL A 39 9.78 1.03 19.31
N VAL A 40 9.59 0.53 18.09
CA VAL A 40 10.47 0.85 16.98
C VAL A 40 9.89 2.02 16.20
N ALA A 41 8.55 2.09 16.12
CA ALA A 41 7.95 3.26 15.49
C ALA A 41 6.61 3.56 16.14
N SER A 42 6.26 4.84 16.21
CA SER A 42 4.96 5.25 16.76
C SER A 42 4.48 6.41 15.91
N CYS A 43 3.38 6.21 15.17
CA CYS A 43 3.00 7.12 14.10
C CYS A 43 1.49 7.26 14.04
N HIS A 44 1.04 8.26 13.29
CA HIS A 44 -0.37 8.39 12.97
C HIS A 44 -0.49 8.73 11.49
N ASN A 45 -1.73 8.84 11.05
CA ASN A 45 -2.04 9.17 9.65
C ASN A 45 -1.45 10.55 9.31
N MET A 46 -0.65 10.61 8.23
CA MET A 46 0.00 11.84 7.80
C MET A 46 -0.46 12.29 6.42
N VAL A 47 -1.64 11.85 5.99
CA VAL A 47 -2.11 12.12 4.63
C VAL A 47 -2.13 13.61 4.36
N LEU A 48 -2.66 14.40 5.29
CA LEU A 48 -2.76 15.83 5.08
C LEU A 48 -1.41 16.52 5.23
N LYS A 49 -0.62 16.12 6.24
CA LYS A 49 0.66 16.79 6.46
C LYS A 49 1.60 16.59 5.27
N TYR A 50 1.61 15.39 4.69
CA TYR A 50 2.53 15.05 3.62
C TYR A 50 1.94 15.24 2.23
N THR A 51 0.66 15.58 2.11
CA THR A 51 -0.03 15.55 0.82
C THR A 51 0.22 14.20 0.12
N ASP A 52 -0.09 13.12 0.83
CA ASP A 52 0.25 11.77 0.39
C ASP A 52 -0.88 10.83 0.82
N PRO A 53 -1.74 10.41 -0.12
CA PRO A 53 -2.86 9.54 0.26
C PRO A 53 -2.41 8.16 0.73
N THR A 54 -1.15 7.78 0.51
CA THR A 54 -0.64 6.52 1.00
C THR A 54 -0.12 6.59 2.43
N ALA A 55 -0.03 7.80 3.01
CA ALA A 55 0.58 7.95 4.32
C ALA A 55 -0.41 7.62 5.45
N HIS A 56 -1.10 6.49 5.34
CA HIS A 56 -1.85 6.01 6.47
C HIS A 56 -0.91 5.72 7.64
N ALA A 57 -1.50 5.57 8.83
CA ALA A 57 -0.70 5.36 10.03
C ALA A 57 0.17 4.11 9.91
N GLU A 58 -0.40 3.01 9.41
CA GLU A 58 0.35 1.76 9.33
C GLU A 58 1.50 1.87 8.32
N VAL A 59 1.25 2.47 7.16
CA VAL A 59 2.31 2.64 6.16
C VAL A 59 3.39 3.55 6.70
N THR A 60 3.00 4.66 7.35
CA THR A 60 3.98 5.57 7.92
C THR A 60 4.84 4.85 8.94
N ALA A 61 4.22 4.03 9.79
CA ALA A 61 4.95 3.30 10.81
C ALA A 61 5.90 2.28 10.21
N ILE A 62 5.45 1.58 9.17
CA ILE A 62 6.31 0.62 8.49
C ILE A 62 7.54 1.31 7.92
N ARG A 63 7.33 2.46 7.24
CA ARG A 63 8.45 3.18 6.65
C ARG A 63 9.44 3.61 7.73
N GLU A 64 8.93 4.15 8.84
CA GLU A 64 9.81 4.62 9.90
C GLU A 64 10.54 3.46 10.59
N ALA A 65 9.85 2.35 10.84
CA ALA A 65 10.48 1.17 11.43
C ALA A 65 11.57 0.61 10.53
N CYS A 66 11.31 0.54 9.22
CA CYS A 66 12.30 0.01 8.31
C CYS A 66 13.53 0.91 8.25
N LYS A 67 13.33 2.24 8.31
CA LYS A 67 14.47 3.15 8.39
C LYS A 67 15.22 2.98 9.70
N LYS A 68 14.51 2.78 10.81
CA LYS A 68 15.18 2.67 12.10
C LYS A 68 16.02 1.40 12.18
N LEU A 69 15.49 0.29 11.64
CA LEU A 69 16.19 -0.99 11.67
C LEU A 69 17.10 -1.20 10.47
N ASN A 70 17.07 -0.28 9.48
CA ASN A 70 17.96 -0.34 8.32
C ASN A 70 17.73 -1.60 7.49
N LYS A 71 16.47 -1.97 7.31
CA LYS A 71 16.15 -3.16 6.51
C LYS A 71 14.69 -3.12 6.10
N ILE A 72 14.37 -3.89 5.06
CA ILE A 72 13.05 -3.82 4.44
C ILE A 72 12.10 -4.88 4.96
N GLU A 73 12.54 -5.75 5.86
CA GLU A 73 11.67 -6.76 6.45
C GLU A 73 11.66 -6.59 7.96
N LEU A 74 10.50 -6.79 8.56
CA LEU A 74 10.28 -6.59 10.00
C LEU A 74 9.77 -7.86 10.65
N SER A 75 10.36 -9.02 10.29
CA SER A 75 9.84 -10.30 10.74
C SER A 75 9.99 -10.54 12.23
N GLU A 76 10.75 -9.71 12.94
CA GLU A 76 10.83 -9.85 14.39
C GLU A 76 9.88 -8.92 15.12
N CYS A 77 9.13 -8.09 14.41
CA CYS A 77 8.33 -7.02 14.98
C CYS A 77 6.83 -7.33 14.89
N GLU A 78 6.05 -6.59 15.68
CA GLU A 78 4.60 -6.70 15.65
C GLU A 78 4.02 -5.30 15.48
N ILE A 79 2.81 -5.21 14.92
CA ILE A 79 2.19 -3.92 14.66
C ILE A 79 0.85 -3.85 15.39
N TYR A 80 0.58 -2.70 16.00
CA TYR A 80 -0.65 -2.37 16.70
C TYR A 80 -1.31 -1.23 15.96
N ALA A 81 -2.54 -1.44 15.50
CA ALA A 81 -3.26 -0.43 14.74
C ALA A 81 -4.52 -0.03 15.49
N SER A 82 -4.76 1.27 15.64
CA SER A 82 -5.96 1.70 16.36
C SER A 82 -7.22 1.25 15.63
N CYS A 83 -7.16 1.15 14.31
CA CYS A 83 -8.28 0.72 13.49
C CYS A 83 -7.85 -0.42 12.58
N GLU A 84 -8.79 -1.30 12.26
CA GLU A 84 -8.60 -2.35 11.26
C GLU A 84 -7.89 -1.81 10.02
N PRO A 85 -6.71 -2.32 9.68
CA PRO A 85 -6.00 -1.83 8.48
C PRO A 85 -6.78 -2.08 7.20
N CYS A 86 -6.73 -1.10 6.31
CA CYS A 86 -7.41 -1.14 5.02
C CYS A 86 -6.65 -2.05 4.05
N PRO A 87 -7.18 -2.29 2.85
CA PRO A 87 -6.44 -3.14 1.89
C PRO A 87 -5.02 -2.66 1.58
N MET A 88 -4.81 -1.34 1.45
CA MET A 88 -3.46 -0.86 1.20
C MET A 88 -2.53 -1.22 2.34
N CYS A 89 -2.94 -0.88 3.57
CA CYS A 89 -2.11 -1.08 4.74
C CYS A 89 -1.91 -2.56 5.02
N PHE A 90 -2.95 -3.38 4.86
CA PHE A 90 -2.77 -4.81 5.07
C PHE A 90 -1.81 -5.40 4.04
N GLY A 91 -1.87 -4.92 2.79
CA GLY A 91 -0.86 -5.31 1.82
C GLY A 91 0.55 -4.92 2.25
N ALA A 92 0.70 -3.69 2.77
CA ALA A 92 2.01 -3.24 3.24
C ALA A 92 2.49 -4.09 4.40
N ILE A 93 1.57 -4.49 5.29
CA ILE A 93 1.90 -5.34 6.41
C ILE A 93 2.37 -6.70 5.92
N HIS A 94 1.71 -7.23 4.89
CA HIS A 94 2.17 -8.48 4.28
C HIS A 94 3.58 -8.34 3.72
N LEU A 95 3.82 -7.30 2.91
CA LEU A 95 5.13 -7.13 2.28
C LEU A 95 6.25 -6.93 3.29
N SER A 96 5.97 -6.23 4.39
CA SER A 96 7.01 -5.96 5.37
C SER A 96 7.32 -7.18 6.20
N ARG A 97 6.44 -8.18 6.16
CA ARG A 97 6.54 -9.44 6.88
C ARG A 97 6.53 -9.28 8.40
N LEU A 98 5.85 -8.26 8.90
CA LEU A 98 5.49 -8.22 10.32
C LEU A 98 4.89 -9.55 10.73
N LYS A 99 5.26 -10.02 11.92
CA LYS A 99 4.84 -11.36 12.36
C LYS A 99 3.49 -11.38 13.05
N ARG A 100 2.98 -10.22 13.49
CA ARG A 100 1.72 -10.19 14.22
C ARG A 100 1.08 -8.82 14.07
N LEU A 101 -0.24 -8.80 13.95
CA LEU A 101 -1.03 -7.57 13.93
C LEU A 101 -2.08 -7.64 15.02
N VAL A 102 -2.16 -6.59 15.84
CA VAL A 102 -3.22 -6.39 16.80
C VAL A 102 -3.95 -5.12 16.42
N TYR A 103 -5.26 -5.18 16.25
CA TYR A 103 -5.98 -3.96 15.89
C TYR A 103 -7.18 -3.74 16.80
N GLY A 104 -7.51 -2.47 17.00
CA GLY A 104 -8.44 -2.12 18.06
C GLY A 104 -9.91 -2.06 17.66
N ALA A 105 -10.22 -1.32 16.60
CA ALA A 105 -11.59 -1.09 16.17
C ALA A 105 -11.85 -1.74 14.82
N LYS A 106 -12.97 -2.43 14.70
CA LYS A 106 -13.39 -2.94 13.40
C LYS A 106 -13.69 -1.79 12.46
N ALA A 107 -13.49 -2.02 11.16
CA ALA A 107 -13.68 -0.95 10.16
C ALA A 107 -15.08 -0.34 10.24
N GLU A 108 -16.07 -1.11 10.68
CA GLU A 108 -17.43 -0.61 10.78
C GLU A 108 -17.51 0.58 11.72
N ALA A 109 -16.60 0.68 12.69
CA ALA A 109 -16.61 1.80 13.62
C ALA A 109 -16.23 3.10 12.92
N ALA A 110 -15.23 3.05 12.04
CA ALA A 110 -14.88 4.22 11.26
C ALA A 110 -15.95 4.54 10.22
N ILE A 111 -16.47 3.51 9.56
CA ILE A 111 -17.51 3.73 8.55
C ILE A 111 -18.72 4.42 9.18
N ALA A 112 -19.12 4.00 10.38
CA ALA A 112 -20.29 4.60 11.03
C ALA A 112 -20.13 6.10 11.28
N ILE A 113 -18.90 6.61 11.37
CA ILE A 113 -18.67 8.04 11.52
C ILE A 113 -18.46 8.74 10.19
N GLY A 114 -18.54 8.02 9.07
CA GLY A 114 -18.46 8.63 7.76
C GLY A 114 -17.21 8.35 6.96
N PHE A 115 -16.40 7.37 7.35
CA PHE A 115 -15.28 6.96 6.50
C PHE A 115 -15.72 5.92 5.49
N ASP A 116 -14.97 5.84 4.39
CA ASP A 116 -15.30 4.95 3.28
C ASP A 116 -15.28 3.48 3.69
N ASP A 117 -16.23 2.72 3.14
CA ASP A 117 -16.24 1.27 3.23
C ASP A 117 -15.10 0.74 2.37
N PHE A 118 -14.01 0.30 3.01
CA PHE A 118 -12.77 -0.04 2.29
C PHE A 118 -12.03 -1.07 3.15
N ILE A 119 -12.39 -2.34 2.96
CA ILE A 119 -12.09 -3.40 3.93
C ILE A 119 -11.28 -4.50 3.26
N ALA A 120 -10.24 -4.96 3.95
CA ALA A 120 -9.31 -5.95 3.41
C ALA A 120 -9.89 -7.35 3.58
N ASP A 121 -10.23 -7.99 2.44
CA ASP A 121 -10.68 -9.39 2.50
C ASP A 121 -9.64 -10.28 3.18
N ALA A 122 -8.36 -10.08 2.87
CA ALA A 122 -7.33 -10.98 3.40
C ALA A 122 -7.26 -10.93 4.92
N LEU A 123 -7.59 -9.79 5.52
CA LEU A 123 -7.60 -9.72 6.98
C LEU A 123 -8.79 -10.46 7.57
N ARG A 124 -9.95 -10.33 6.95
CA ARG A 124 -11.15 -10.98 7.48
C ARG A 124 -11.28 -12.44 7.09
N GLY A 125 -10.32 -12.99 6.35
CA GLY A 125 -10.34 -14.40 5.98
C GLY A 125 -11.16 -14.74 4.76
N THR A 126 -11.53 -13.76 3.94
CA THR A 126 -12.36 -13.98 2.75
C THR A 126 -11.61 -13.70 1.45
N GLY A 127 -10.28 -13.67 1.48
CA GLY A 127 -9.53 -13.43 0.26
C GLY A 127 -9.41 -14.72 -0.53
N VAL A 128 -9.47 -14.58 -1.85
CA VAL A 128 -9.24 -15.71 -2.76
C VAL A 128 -7.81 -15.73 -3.27
N TYR A 129 -7.36 -14.61 -3.82
CA TYR A 129 -6.01 -14.48 -4.35
C TYR A 129 -5.00 -14.03 -3.31
N GLN A 130 -5.44 -13.32 -2.27
CA GLN A 130 -4.55 -12.85 -1.21
C GLN A 130 -4.87 -13.59 0.08
N LYS A 131 -3.87 -14.28 0.62
CA LYS A 131 -4.04 -15.07 1.84
C LYS A 131 -3.05 -14.55 2.87
N SER A 132 -3.57 -14.11 4.02
CA SER A 132 -2.70 -13.66 5.10
C SER A 132 -1.89 -14.83 5.65
N SER A 133 -0.70 -14.51 6.14
CA SER A 133 0.11 -15.48 6.86
C SER A 133 0.28 -15.14 8.33
N LEU A 134 0.27 -13.86 8.68
CA LEU A 134 0.64 -13.45 10.03
C LEU A 134 -0.52 -13.69 11.00
N GLU A 135 -0.17 -13.70 12.28
CA GLU A 135 -1.16 -13.86 13.32
C GLU A 135 -1.89 -12.52 13.51
N ILE A 136 -3.22 -12.57 13.57
CA ILE A 136 -4.04 -11.37 13.67
C ILE A 136 -4.92 -11.47 14.92
N LYS A 137 -4.99 -10.38 15.67
CA LYS A 137 -5.78 -10.31 16.89
C LYS A 137 -6.66 -9.06 16.84
N LYS A 138 -7.97 -9.26 16.83
CA LYS A 138 -8.90 -8.17 17.06
C LYS A 138 -9.02 -7.96 18.57
N ALA A 139 -8.81 -6.73 19.02
CA ALA A 139 -8.90 -6.47 20.45
C ALA A 139 -10.33 -6.69 20.95
N ASP A 140 -10.44 -7.05 22.24
CA ASP A 140 -11.72 -7.18 22.92
C ASP A 140 -11.70 -6.33 24.18
N GLY A 141 -12.85 -6.28 24.85
CA GLY A 141 -12.91 -5.67 26.17
C GLY A 141 -12.56 -4.19 26.16
N ASN A 142 -11.68 -3.80 27.07
CA ASN A 142 -11.34 -2.39 27.23
C ASN A 142 -10.58 -1.86 26.04
N GLY A 143 -9.69 -2.67 25.46
CA GLY A 143 -8.97 -2.24 24.28
C GLY A 143 -9.91 -1.90 23.14
N ALA A 144 -10.89 -2.75 22.90
CA ALA A 144 -11.89 -2.47 21.87
C ALA A 144 -12.72 -1.25 22.22
N ALA A 145 -13.10 -1.09 23.50
CA ALA A 145 -13.88 0.07 23.90
C ALA A 145 -13.12 1.36 23.58
N ILE A 146 -11.84 1.40 23.97
CA ILE A 146 -10.99 2.57 23.74
C ILE A 146 -10.88 2.87 22.25
N ALA A 147 -10.61 1.84 21.45
CA ALA A 147 -10.37 2.08 20.03
C ALA A 147 -11.65 2.49 19.32
N GLU A 148 -12.79 1.89 19.70
CA GLU A 148 -14.06 2.29 19.08
C GLU A 148 -14.44 3.71 19.46
N GLN A 149 -14.12 4.13 20.69
CA GLN A 149 -14.52 5.46 21.14
C GLN A 149 -13.86 6.58 20.35
N VAL A 150 -12.73 6.29 19.69
CA VAL A 150 -12.01 7.31 18.93
C VAL A 150 -12.94 8.01 17.95
N PHE A 151 -13.79 7.24 17.27
CA PHE A 151 -14.58 7.82 16.19
C PHE A 151 -15.70 8.69 16.73
N GLN A 152 -16.34 8.25 17.82
CA GLN A 152 -17.33 9.11 18.47
C GLN A 152 -16.69 10.37 19.04
N ASN A 153 -15.49 10.25 19.59
CA ASN A 153 -14.86 11.39 20.26
C ASN A 153 -14.34 12.44 19.27
N THR A 154 -13.95 12.02 18.07
CA THR A 154 -13.31 12.94 17.13
C THR A 154 -14.25 13.35 16.00
N LYS A 155 -15.55 13.12 16.18
CA LYS A 155 -16.54 13.31 15.12
C LYS A 155 -16.47 14.72 14.53
N GLU A 156 -16.54 15.75 15.38
CA GLU A 156 -16.56 17.14 14.93
C GLU A 156 -15.17 17.73 14.80
N LYS A 157 -14.14 17.01 15.25
CA LYS A 157 -12.77 17.51 15.21
C LYS A 157 -12.30 17.76 13.78
N SER B 5 -2.24 6.17 -27.65
CA SER B 5 -1.63 6.84 -26.51
C SER B 5 -1.31 5.84 -25.38
N ASP B 6 -2.19 4.85 -25.17
CA ASP B 6 -1.96 3.84 -24.14
C ASP B 6 -0.63 3.12 -24.36
N HIS B 7 -0.31 2.82 -25.62
CA HIS B 7 0.93 2.11 -25.92
C HIS B 7 2.14 2.93 -25.53
N LYS B 8 2.09 4.24 -25.78
CA LYS B 8 3.21 5.13 -25.44
C LYS B 8 3.53 5.08 -23.95
N PHE B 9 2.50 5.21 -23.11
CA PHE B 9 2.76 5.35 -21.67
C PHE B 9 3.05 4.01 -21.02
N LEU B 10 2.41 2.94 -21.51
CA LEU B 10 2.76 1.61 -21.02
C LEU B 10 4.20 1.28 -21.35
N THR B 11 4.67 1.59 -22.57
CA THR B 11 6.06 1.29 -22.87
C THR B 11 7.00 2.17 -22.07
N GLN B 12 6.59 3.41 -21.75
CA GLN B 12 7.40 4.20 -20.82
C GLN B 12 7.52 3.52 -19.45
N ALA B 13 6.40 2.98 -18.94
CA ALA B 13 6.43 2.22 -17.69
C ALA B 13 7.39 1.03 -17.78
N VAL B 14 7.33 0.28 -18.89
CA VAL B 14 8.24 -0.86 -19.06
C VAL B 14 9.70 -0.40 -19.05
N GLU B 15 10.00 0.72 -19.71
CA GLU B 15 11.38 1.21 -19.72
C GLU B 15 11.81 1.63 -18.32
N GLU B 16 10.91 2.23 -17.55
CA GLU B 16 11.22 2.50 -16.15
C GLU B 16 11.58 1.21 -15.40
N ALA B 17 10.83 0.14 -15.64
CA ALA B 17 11.13 -1.14 -14.99
C ALA B 17 12.54 -1.61 -15.31
N TYR B 18 12.92 -1.56 -16.59
CA TYR B 18 14.27 -1.97 -16.98
C TYR B 18 15.32 -1.08 -16.33
N LYS B 19 15.10 0.25 -16.34
CA LYS B 19 16.08 1.18 -15.77
C LYS B 19 16.25 0.97 -14.27
N GLY B 20 15.15 0.77 -13.56
CA GLY B 20 15.22 0.58 -12.12
C GLY B 20 15.95 -0.69 -11.74
N VAL B 21 15.67 -1.79 -12.43
CA VAL B 21 16.39 -3.00 -12.05
C VAL B 21 17.86 -2.88 -12.48
N ASP B 22 18.15 -2.17 -13.58
CA ASP B 22 19.52 -2.05 -14.04
C ASP B 22 20.38 -1.29 -13.04
N CYS B 23 19.84 -0.21 -12.46
CA CYS B 23 20.61 0.58 -11.51
C CYS B 23 20.44 0.11 -10.07
N GLY B 24 19.67 -0.94 -9.83
CA GLY B 24 19.56 -1.53 -8.51
C GLY B 24 18.56 -0.88 -7.58
N ASP B 25 17.73 0.04 -8.09
CA ASP B 25 16.78 0.73 -7.23
C ASP B 25 15.76 -0.23 -6.63
N GLY B 26 15.44 -1.30 -7.34
CA GLY B 26 14.42 -2.23 -6.89
C GLY B 26 14.16 -3.25 -7.99
N GLY B 27 13.01 -3.90 -7.90
CA GLY B 27 12.66 -4.92 -8.88
C GLY B 27 12.22 -4.31 -10.20
N PRO B 28 12.00 -5.19 -11.20
CA PRO B 28 11.62 -4.76 -12.57
C PRO B 28 10.16 -4.37 -12.70
N PHE B 29 9.82 -3.21 -12.14
CA PHE B 29 8.45 -2.69 -12.13
C PHE B 29 8.47 -1.19 -12.37
N GLY B 30 7.56 -0.71 -13.21
CA GLY B 30 7.51 0.69 -13.53
C GLY B 30 6.07 1.17 -13.51
N ALA B 31 5.92 2.50 -13.38
CA ALA B 31 4.60 3.12 -13.32
C ALA B 31 4.70 4.58 -13.77
N VAL B 32 3.72 5.01 -14.54
CA VAL B 32 3.67 6.35 -15.12
C VAL B 32 2.29 6.93 -14.82
N ILE B 33 2.24 8.11 -14.23
CA ILE B 33 0.98 8.78 -13.96
C ILE B 33 0.88 9.97 -14.90
N VAL B 34 -0.27 10.07 -15.58
CA VAL B 34 -0.48 10.98 -16.71
C VAL B 34 -1.76 11.79 -16.47
N HIS B 35 -1.72 13.08 -16.79
CA HIS B 35 -2.86 13.98 -16.62
C HIS B 35 -3.18 14.60 -17.96
N ASN B 36 -4.20 14.09 -18.64
CA ASN B 36 -4.59 14.59 -19.96
C ASN B 36 -3.41 14.62 -20.92
N ASN B 37 -2.73 13.48 -21.01
CA ASN B 37 -1.59 13.24 -21.90
C ASN B 37 -0.31 13.95 -21.49
N GLU B 38 -0.28 14.56 -20.31
CA GLU B 38 0.94 15.13 -19.76
C GLU B 38 1.46 14.23 -18.63
N VAL B 39 2.73 13.83 -18.70
CA VAL B 39 3.25 12.92 -17.69
C VAL B 39 3.47 13.69 -16.40
N VAL B 40 2.85 13.23 -15.33
CA VAL B 40 3.02 13.83 -14.01
C VAL B 40 4.14 13.14 -13.23
N ALA B 41 4.23 11.82 -13.32
CA ALA B 41 5.29 11.11 -12.61
C ALA B 41 5.67 9.87 -13.40
N SER B 42 6.94 9.55 -13.41
CA SER B 42 7.45 8.38 -14.14
C SER B 42 8.45 7.71 -13.20
N CYS B 43 8.09 6.55 -12.65
CA CYS B 43 8.84 5.97 -11.54
C CYS B 43 9.02 4.48 -11.74
N HIS B 44 9.93 3.92 -10.95
CA HIS B 44 10.08 2.49 -10.84
C HIS B 44 10.13 2.11 -9.36
N ASN B 45 10.18 0.81 -9.13
CA ASN B 45 10.24 0.27 -7.78
C ASN B 45 11.52 0.76 -7.10
N MET B 46 11.37 1.34 -5.89
CA MET B 46 12.49 1.93 -5.17
C MET B 46 12.78 1.24 -3.84
N VAL B 47 12.26 0.02 -3.65
CA VAL B 47 12.29 -0.62 -2.35
C VAL B 47 13.72 -0.75 -1.84
N LEU B 48 14.66 -1.11 -2.72
CA LEU B 48 16.05 -1.27 -2.31
C LEU B 48 16.73 0.08 -2.08
N LYS B 49 16.54 1.02 -3.01
CA LYS B 49 17.18 2.32 -2.87
C LYS B 49 16.70 3.05 -1.61
N TYR B 50 15.40 2.95 -1.31
CA TYR B 50 14.81 3.69 -0.19
C TYR B 50 14.76 2.90 1.12
N THR B 51 15.12 1.61 1.12
CA THR B 51 14.93 0.74 2.28
C THR B 51 13.49 0.84 2.78
N ASP B 52 12.56 0.70 1.85
CA ASP B 52 11.15 0.92 2.11
C ASP B 52 10.35 -0.13 1.36
N PRO B 53 9.78 -1.13 2.05
CA PRO B 53 9.05 -2.19 1.34
C PRO B 53 7.76 -1.71 0.72
N THR B 54 7.28 -0.52 1.09
CA THR B 54 6.10 0.07 0.45
C THR B 54 6.44 0.85 -0.82
N ALA B 55 7.73 1.06 -1.13
CA ALA B 55 8.11 1.86 -2.30
C ALA B 55 8.01 1.11 -3.62
N HIS B 56 6.88 0.46 -3.87
CA HIS B 56 6.62 -0.10 -5.19
C HIS B 56 6.51 1.02 -6.22
N ALA B 57 6.59 0.65 -7.51
CA ALA B 57 6.53 1.64 -8.58
C ALA B 57 5.27 2.49 -8.48
N GLU B 58 4.12 1.84 -8.27
CA GLU B 58 2.84 2.56 -8.24
C GLU B 58 2.76 3.50 -7.04
N VAL B 59 3.13 3.01 -5.85
CA VAL B 59 3.12 3.86 -4.66
C VAL B 59 4.07 5.04 -4.84
N THR B 60 5.27 4.77 -5.38
CA THR B 60 6.25 5.85 -5.59
C THR B 60 5.69 6.91 -6.54
N ALA B 61 5.05 6.45 -7.63
CA ALA B 61 4.49 7.39 -8.61
C ALA B 61 3.37 8.21 -8.01
N ILE B 62 2.52 7.57 -7.19
CA ILE B 62 1.42 8.28 -6.54
C ILE B 62 1.97 9.35 -5.62
N ARG B 63 2.94 9.00 -4.79
CA ARG B 63 3.55 9.99 -3.89
C ARG B 63 4.09 11.18 -4.67
N GLU B 64 4.84 10.90 -5.74
CA GLU B 64 5.45 11.97 -6.53
C GLU B 64 4.39 12.87 -7.17
N ALA B 65 3.37 12.24 -7.78
CA ALA B 65 2.34 12.99 -8.51
C ALA B 65 1.53 13.86 -7.56
N CYS B 66 1.18 13.32 -6.39
CA CYS B 66 0.41 14.10 -5.42
C CYS B 66 1.22 15.28 -4.92
N LYS B 67 2.52 15.08 -4.66
CA LYS B 67 3.32 16.21 -4.21
C LYS B 67 3.44 17.27 -5.31
N LYS B 68 3.58 16.83 -6.56
CA LYS B 68 3.70 17.76 -7.67
C LYS B 68 2.44 18.57 -7.87
N LEU B 69 1.27 17.94 -7.76
CA LEU B 69 0.01 18.59 -8.03
C LEU B 69 -0.61 19.25 -6.80
N ASN B 70 0.00 19.06 -5.63
CA ASN B 70 -0.46 19.67 -4.37
C ASN B 70 -1.86 19.23 -4.00
N LYS B 71 -2.18 17.95 -4.20
CA LYS B 71 -3.44 17.44 -3.74
C LYS B 71 -3.31 15.95 -3.48
N ILE B 72 -4.21 15.43 -2.65
CA ILE B 72 -4.15 14.02 -2.26
C ILE B 72 -5.05 13.14 -3.12
N GLU B 73 -5.80 13.71 -4.05
CA GLU B 73 -6.57 12.96 -5.02
C GLU B 73 -6.01 13.18 -6.41
N LEU B 74 -5.93 12.11 -7.20
CA LEU B 74 -5.46 12.24 -8.58
C LEU B 74 -6.61 11.88 -9.52
N SER B 75 -7.78 12.45 -9.28
CA SER B 75 -9.01 11.99 -9.94
C SER B 75 -9.02 12.31 -11.43
N GLU B 76 -8.18 13.20 -11.91
CA GLU B 76 -8.15 13.49 -13.34
C GLU B 76 -6.96 12.83 -14.02
N CYS B 77 -6.23 11.99 -13.30
CA CYS B 77 -5.05 11.29 -13.81
C CYS B 77 -5.34 9.82 -14.04
N GLU B 78 -4.47 9.20 -14.84
CA GLU B 78 -4.51 7.78 -15.09
C GLU B 78 -3.14 7.21 -14.78
N ILE B 79 -3.09 5.92 -14.47
CA ILE B 79 -1.83 5.27 -14.11
C ILE B 79 -1.58 4.10 -15.04
N TYR B 80 -0.35 4.00 -15.53
CA TYR B 80 0.12 2.91 -16.38
C TYR B 80 1.13 2.13 -15.56
N ALA B 81 0.86 0.84 -15.34
CA ALA B 81 1.75 -0.02 -14.57
C ALA B 81 2.31 -1.09 -15.50
N SER B 82 3.63 -1.29 -15.46
CA SER B 82 4.20 -2.34 -16.32
C SER B 82 3.70 -3.71 -15.93
N CYS B 83 3.42 -3.93 -14.64
CA CYS B 83 2.90 -5.19 -14.14
C CYS B 83 1.62 -4.92 -13.37
N GLU B 84 0.76 -5.92 -13.34
CA GLU B 84 -0.47 -5.91 -12.55
C GLU B 84 -0.20 -5.49 -11.10
N PRO B 85 -0.86 -4.44 -10.60
CA PRO B 85 -0.59 -3.98 -9.23
C PRO B 85 -0.96 -5.00 -8.17
N CYS B 86 -0.12 -5.08 -7.15
CA CYS B 86 -0.33 -5.96 -6.01
C CYS B 86 -1.43 -5.40 -5.10
N PRO B 87 -1.87 -6.17 -4.09
CA PRO B 87 -2.90 -5.64 -3.17
C PRO B 87 -2.59 -4.27 -2.55
N MET B 88 -1.35 -4.05 -2.08
CA MET B 88 -1.00 -2.75 -1.52
C MET B 88 -1.15 -1.65 -2.56
N CYS B 89 -0.58 -1.88 -3.75
CA CYS B 89 -0.63 -0.86 -4.79
C CYS B 89 -2.04 -0.64 -5.29
N PHE B 90 -2.84 -1.70 -5.45
CA PHE B 90 -4.22 -1.47 -5.87
C PHE B 90 -4.99 -0.67 -4.82
N GLY B 91 -4.71 -0.94 -3.54
CA GLY B 91 -5.32 -0.14 -2.48
C GLY B 91 -4.90 1.32 -2.55
N ALA B 92 -3.63 1.57 -2.83
CA ALA B 92 -3.16 2.95 -2.95
C ALA B 92 -3.78 3.64 -4.16
N ILE B 93 -3.95 2.91 -5.26
CA ILE B 93 -4.60 3.48 -6.45
C ILE B 93 -6.05 3.83 -6.12
N HIS B 94 -6.72 2.97 -5.37
CA HIS B 94 -8.09 3.25 -4.93
C HIS B 94 -8.13 4.51 -4.07
N LEU B 95 -7.28 4.58 -3.05
CA LEU B 95 -7.27 5.72 -2.14
C LEU B 95 -6.96 7.02 -2.89
N SER B 96 -6.07 6.96 -3.88
CA SER B 96 -5.66 8.14 -4.62
C SER B 96 -6.74 8.66 -5.58
N ARG B 97 -7.77 7.85 -5.85
CA ARG B 97 -8.89 8.21 -6.73
C ARG B 97 -8.49 8.33 -8.19
N LEU B 98 -7.37 7.72 -8.58
CA LEU B 98 -7.01 7.66 -9.99
C LEU B 98 -8.19 7.15 -10.79
N LYS B 99 -8.41 7.74 -11.95
CA LYS B 99 -9.61 7.45 -12.72
C LYS B 99 -9.48 6.22 -13.60
N ARG B 100 -8.27 5.82 -13.96
CA ARG B 100 -8.10 4.68 -14.84
C ARG B 100 -6.76 4.03 -14.58
N LEU B 101 -6.73 2.70 -14.68
CA LEU B 101 -5.50 1.92 -14.55
C LEU B 101 -5.34 1.09 -15.82
N VAL B 102 -4.20 1.23 -16.49
CA VAL B 102 -3.80 0.33 -17.57
C VAL B 102 -2.57 -0.43 -17.10
N TYR B 103 -2.61 -1.76 -17.16
CA TYR B 103 -1.42 -2.54 -16.79
C TYR B 103 -1.01 -3.50 -17.89
N GLY B 104 0.28 -3.80 -17.93
CA GLY B 104 0.86 -4.54 -19.04
C GLY B 104 0.86 -6.05 -18.91
N ALA B 105 1.55 -6.57 -17.90
CA ALA B 105 1.70 -8.00 -17.69
C ALA B 105 0.82 -8.48 -16.56
N LYS B 106 0.25 -9.67 -16.70
CA LYS B 106 -0.45 -10.31 -15.59
C LYS B 106 0.55 -10.67 -14.48
N ALA B 107 0.05 -10.75 -13.24
CA ALA B 107 0.90 -11.06 -12.10
C ALA B 107 1.62 -12.40 -12.25
N GLU B 108 1.00 -13.34 -12.97
CA GLU B 108 1.60 -14.65 -13.18
C GLU B 108 2.95 -14.55 -13.87
N ALA B 109 3.14 -13.56 -14.74
CA ALA B 109 4.43 -13.42 -15.42
C ALA B 109 5.55 -13.12 -14.43
N ALA B 110 5.25 -12.39 -13.35
CA ALA B 110 6.25 -12.10 -12.34
C ALA B 110 6.44 -13.28 -11.39
N ILE B 111 5.33 -13.93 -11.02
CA ILE B 111 5.43 -15.14 -10.20
C ILE B 111 6.26 -16.20 -10.89
N ALA B 112 6.20 -16.26 -12.23
CA ALA B 112 6.95 -17.26 -12.98
C ALA B 112 8.45 -17.21 -12.70
N ILE B 113 9.00 -16.03 -12.39
CA ILE B 113 10.43 -15.93 -12.13
C ILE B 113 10.73 -15.84 -10.64
N GLY B 114 9.76 -16.15 -9.78
CA GLY B 114 10.00 -16.30 -8.37
C GLY B 114 9.45 -15.20 -7.48
N PHE B 115 8.71 -14.24 -8.02
CA PHE B 115 8.14 -13.23 -7.15
C PHE B 115 6.94 -13.82 -6.40
N ASP B 116 6.60 -13.16 -5.29
CA ASP B 116 5.61 -13.69 -4.36
C ASP B 116 4.24 -13.82 -5.01
N ASP B 117 3.53 -14.89 -4.65
CA ASP B 117 2.13 -15.09 -5.01
C ASP B 117 1.24 -14.13 -4.23
N PHE B 118 1.04 -12.91 -4.76
CA PHE B 118 0.49 -11.79 -3.96
C PHE B 118 -0.36 -10.94 -4.90
N ILE B 119 -1.64 -11.30 -5.03
CA ILE B 119 -2.51 -10.79 -6.09
C ILE B 119 -3.72 -10.10 -5.47
N ALA B 120 -4.15 -8.99 -6.09
CA ALA B 120 -5.21 -8.14 -5.55
C ALA B 120 -6.57 -8.70 -5.92
N ASP B 121 -7.30 -9.21 -4.92
CA ASP B 121 -8.65 -9.71 -5.14
C ASP B 121 -9.53 -8.64 -5.79
N ALA B 122 -9.43 -7.39 -5.34
CA ALA B 122 -10.31 -6.35 -5.87
C ALA B 122 -10.00 -6.03 -7.32
N LEU B 123 -8.74 -6.17 -7.74
CA LEU B 123 -8.45 -5.98 -9.16
C LEU B 123 -9.12 -7.07 -9.99
N ARG B 124 -9.04 -8.32 -9.55
CA ARG B 124 -9.57 -9.44 -10.32
C ARG B 124 -11.04 -9.68 -10.08
N GLY B 125 -11.66 -8.91 -9.19
CA GLY B 125 -13.10 -9.04 -8.95
C GLY B 125 -13.49 -10.23 -8.11
N THR B 126 -12.65 -10.64 -7.17
CA THR B 126 -12.88 -11.87 -6.43
C THR B 126 -13.10 -11.63 -4.94
N GLY B 127 -13.33 -10.39 -4.53
CA GLY B 127 -13.48 -10.11 -3.12
C GLY B 127 -14.92 -10.22 -2.62
N VAL B 128 -15.04 -10.41 -1.32
CA VAL B 128 -16.33 -10.27 -0.64
C VAL B 128 -16.52 -8.85 -0.14
N TYR B 129 -15.49 -8.30 0.50
CA TYR B 129 -15.56 -6.99 1.16
C TYR B 129 -15.03 -5.85 0.31
N GLN B 130 -13.95 -6.06 -0.44
CA GLN B 130 -13.35 -5.00 -1.22
C GLN B 130 -13.84 -5.08 -2.67
N LYS B 131 -14.41 -4.00 -3.15
CA LYS B 131 -14.83 -3.89 -4.54
C LYS B 131 -14.11 -2.71 -5.17
N SER B 132 -13.91 -2.78 -6.47
CA SER B 132 -13.29 -1.70 -7.19
C SER B 132 -14.32 -0.96 -8.05
N SER B 133 -14.10 0.33 -8.23
CA SER B 133 -14.91 1.13 -9.13
C SER B 133 -14.15 1.64 -10.34
N LEU B 134 -12.84 1.85 -10.23
CA LEU B 134 -12.15 2.55 -11.30
C LEU B 134 -12.09 1.68 -12.56
N GLU B 135 -11.85 2.36 -13.67
CA GLU B 135 -11.73 1.71 -14.97
C GLU B 135 -10.40 0.97 -15.04
N ILE B 136 -10.44 -0.31 -15.39
CA ILE B 136 -9.23 -1.14 -15.45
C ILE B 136 -9.10 -1.72 -16.85
N LYS B 137 -7.91 -1.59 -17.44
CA LYS B 137 -7.61 -2.09 -18.77
C LYS B 137 -6.34 -2.93 -18.71
N LYS B 138 -6.50 -4.22 -19.00
CA LYS B 138 -5.37 -5.11 -19.21
C LYS B 138 -4.92 -4.94 -20.66
N ALA B 139 -3.66 -4.54 -20.85
CA ALA B 139 -3.18 -4.25 -22.19
C ALA B 139 -3.24 -5.51 -23.06
N ASP B 140 -3.36 -5.30 -24.36
CA ASP B 140 -3.29 -6.39 -25.33
C ASP B 140 -2.29 -6.01 -26.41
N GLY B 141 -2.11 -6.89 -27.38
CA GLY B 141 -1.27 -6.53 -28.51
C GLY B 141 0.20 -6.38 -28.16
N ASN B 142 0.88 -5.48 -28.90
CA ASN B 142 2.33 -5.32 -28.77
C ASN B 142 2.72 -4.88 -27.36
N GLY B 143 2.00 -3.91 -26.80
CA GLY B 143 2.34 -3.43 -25.46
C GLY B 143 2.32 -4.54 -24.43
N ALA B 144 1.32 -5.43 -24.51
CA ALA B 144 1.23 -6.53 -23.56
C ALA B 144 2.38 -7.52 -23.75
N ALA B 145 2.74 -7.84 -24.98
CA ALA B 145 3.85 -8.77 -25.20
C ALA B 145 5.16 -8.21 -24.68
N ILE B 146 5.41 -6.92 -24.97
CA ILE B 146 6.60 -6.26 -24.45
C ILE B 146 6.62 -6.29 -22.93
N ALA B 147 5.48 -5.99 -22.30
CA ALA B 147 5.42 -5.96 -20.85
C ALA B 147 5.64 -7.34 -20.25
N GLU B 148 5.06 -8.37 -20.87
CA GLU B 148 5.18 -9.70 -20.31
C GLU B 148 6.62 -10.21 -20.40
N GLN B 149 7.39 -9.74 -21.39
CA GLN B 149 8.75 -10.24 -21.55
C GLN B 149 9.75 -9.68 -20.55
N VAL B 150 9.37 -8.66 -19.77
CA VAL B 150 10.30 -8.03 -18.84
C VAL B 150 10.89 -9.05 -17.87
N PHE B 151 10.07 -10.00 -17.42
CA PHE B 151 10.52 -10.84 -16.32
C PHE B 151 11.50 -11.90 -16.78
N GLN B 152 11.20 -12.61 -17.88
CA GLN B 152 12.18 -13.55 -18.41
C GLN B 152 13.46 -12.83 -18.83
N ASN B 153 13.34 -11.61 -19.38
CA ASN B 153 14.54 -10.88 -19.77
C ASN B 153 15.42 -10.55 -18.56
N THR B 154 14.80 -10.10 -17.46
CA THR B 154 15.57 -9.79 -16.26
C THR B 154 16.20 -11.04 -15.66
N LYS B 155 15.43 -12.12 -15.55
CA LYS B 155 16.00 -13.36 -15.03
C LYS B 155 17.18 -13.83 -15.87
N GLU B 156 17.09 -13.70 -17.19
CA GLU B 156 18.21 -14.08 -18.04
C GLU B 156 19.42 -13.18 -17.81
N LYS B 157 19.18 -11.87 -17.65
CA LYS B 157 20.29 -10.94 -17.43
C LYS B 157 21.05 -11.24 -16.15
N PHE B 158 20.36 -11.73 -15.12
CA PHE B 158 21.01 -12.00 -13.83
C PHE B 158 21.23 -13.49 -13.54
N ARG B 159 21.13 -14.36 -14.56
CA ARG B 159 21.12 -15.80 -14.32
C ARG B 159 22.44 -16.29 -13.71
N LEU B 160 23.58 -15.82 -14.22
CA LEU B 160 24.88 -16.28 -13.76
C LEU B 160 25.50 -15.36 -12.71
N TYR B 161 24.69 -14.59 -12.00
CA TYR B 161 25.19 -13.61 -11.04
C TYR B 161 24.86 -13.99 -9.60
#